data_6PMF
#
_entry.id   6PMF
#
_cell.length_a   117.720
_cell.length_b   64.070
_cell.length_c   74.730
_cell.angle_alpha   90.000
_cell.angle_beta   125.530
_cell.angle_gamma   90.000
#
_symmetry.space_group_name_H-M   'C 1 2 1'
#
loop_
_entity.id
_entity.type
_entity.pdbx_description
1 polymer 'Thiol:disulfide interchange protein DsbA'
2 non-polymer '[6-(phenylamino)-1-benzofuran-3-yl]acetic acid'
3 non-polymer 'COPPER (II) ION'
4 water water
#
_entity_poly.entity_id   1
_entity_poly.type   'polypeptide(L)'
_entity_poly.pdbx_seq_one_letter_code
;AQYEDGKQYTTLEKPVAGAPQVLEFFSFFCPHCYQFEEVLHISDNVKKKLPEGVKMTKYHVNFMGGDLGKDLTQAWAVAM
ALGVEDKVTVPLFEGVQKTQTIRSASDIRDVFINAGIKGEEYDAAWNSFVVKSLVAQQEKAAADVQLRGVPAMFVNGKYQ
LNPQGMDTSNMDVFVQQYADTVKYLSEKK
;
_entity_poly.pdbx_strand_id   A,B
#
loop_
_chem_comp.id
_chem_comp.type
_chem_comp.name
_chem_comp.formula
CU non-polymer 'COPPER (II) ION' 'Cu 2'
LD9 non-polymer '[6-(phenylamino)-1-benzofuran-3-yl]acetic acid' 'C16 H13 N O3'
#
# COMPACT_ATOMS: atom_id res chain seq x y z
N ALA A 1 26.36 21.84 1.15
CA ALA A 1 25.06 22.44 0.88
C ALA A 1 23.94 21.68 1.57
N GLN A 2 22.80 22.35 1.77
CA GLN A 2 21.66 21.72 2.42
C GLN A 2 20.89 20.82 1.46
N TYR A 3 20.81 21.22 0.20
CA TYR A 3 20.29 20.37 -0.87
C TYR A 3 21.47 19.96 -1.74
N GLU A 4 21.63 18.66 -1.97
CA GLU A 4 22.78 18.14 -2.70
C GLU A 4 22.34 17.14 -3.74
N ASP A 5 22.88 17.28 -4.95
CA ASP A 5 22.68 16.30 -6.01
C ASP A 5 23.10 14.93 -5.52
N GLY A 6 22.18 13.98 -5.53
CA GLY A 6 22.42 12.65 -5.02
C GLY A 6 21.85 12.40 -3.64
N LYS A 7 21.32 13.43 -2.98
CA LYS A 7 20.72 13.27 -1.66
C LYS A 7 19.20 13.38 -1.74
N GLN A 8 18.68 14.61 -1.71
CA GLN A 8 17.24 14.80 -1.83
C GLN A 8 16.77 14.68 -3.27
N TYR A 9 17.68 14.75 -4.23
CA TYR A 9 17.33 14.69 -5.64
C TYR A 9 18.53 14.18 -6.42
N THR A 10 18.26 13.75 -7.64
CA THR A 10 19.28 13.37 -8.60
C THR A 10 19.09 14.19 -9.86
N THR A 11 20.17 14.33 -10.63
CA THR A 11 20.15 15.15 -11.84
C THR A 11 20.24 14.24 -13.06
N LEU A 12 19.27 14.36 -13.96
CA LEU A 12 19.31 13.61 -15.20
C LEU A 12 20.50 14.06 -16.03
N GLU A 13 21.40 13.11 -16.34
CA GLU A 13 22.53 13.43 -17.19
C GLU A 13 22.16 13.42 -18.67
N LYS A 14 20.91 13.12 -19.01
CA LYS A 14 20.37 13.32 -20.35
C LYS A 14 19.08 14.12 -20.16
N PRO A 15 19.19 15.44 -20.02
CA PRO A 15 18.00 16.26 -19.70
C PRO A 15 16.96 16.19 -20.81
N VAL A 16 15.72 16.47 -20.43
CA VAL A 16 14.56 16.34 -21.30
C VAL A 16 14.01 17.73 -21.58
N ALA A 17 14.19 18.19 -22.81
CA ALA A 17 13.73 19.53 -23.20
C ALA A 17 12.21 19.54 -23.39
N GLY A 18 11.60 20.68 -23.08
CA GLY A 18 10.17 20.85 -23.24
C GLY A 18 9.31 20.04 -22.29
N ALA A 19 9.90 19.46 -21.25
CA ALA A 19 9.13 18.63 -20.33
C ALA A 19 8.25 19.50 -19.43
N PRO A 20 7.17 18.93 -18.90
CA PRO A 20 6.33 19.70 -17.97
C PRO A 20 7.13 20.17 -16.75
N GLN A 21 6.66 21.25 -16.15
CA GLN A 21 7.37 21.84 -15.01
C GLN A 21 7.46 20.86 -13.85
N VAL A 22 6.33 20.30 -13.44
CA VAL A 22 6.29 19.26 -12.41
C VAL A 22 5.57 18.06 -13.00
N LEU A 23 6.27 16.95 -13.14
CA LEU A 23 5.73 15.75 -13.78
C LEU A 23 5.84 14.58 -12.81
N GLU A 24 4.68 13.99 -12.48
CA GLU A 24 4.59 12.84 -11.60
C GLU A 24 4.21 11.60 -12.39
N PHE A 25 4.80 10.47 -12.03
CA PHE A 25 4.45 9.17 -12.60
C PHE A 25 3.98 8.24 -11.49
N PHE A 26 2.92 7.48 -11.77
CA PHE A 26 2.38 6.58 -10.76
C PHE A 26 1.76 5.37 -11.45
N SER A 27 1.39 4.39 -10.63
CA SER A 27 0.64 3.23 -11.08
C SER A 27 -0.39 2.90 -10.02
N PHE A 28 -1.59 2.54 -10.45
CA PHE A 28 -2.58 2.08 -9.49
C PHE A 28 -2.20 0.74 -8.86
N PHE A 29 -1.18 0.05 -9.40
CA PHE A 29 -0.63 -1.15 -8.78
C PHE A 29 0.47 -0.86 -7.79
N CYS A 30 0.88 0.40 -7.65
CA CYS A 30 2.12 0.74 -6.97
C CYS A 30 1.83 1.08 -5.50
N PRO A 31 2.37 0.32 -4.55
CA PRO A 31 1.99 0.54 -3.14
C PRO A 31 2.35 1.92 -2.60
N HIS A 32 3.57 2.41 -2.86
CA HIS A 32 3.92 3.74 -2.38
C HIS A 32 3.05 4.81 -3.04
N CYS A 33 2.63 4.58 -4.29
CA CYS A 33 1.74 5.52 -4.95
C CYS A 33 0.40 5.61 -4.21
N TYR A 34 -0.11 4.46 -3.74
CA TYR A 34 -1.28 4.46 -2.87
C TYR A 34 -1.06 5.36 -1.66
N GLN A 35 0.05 5.17 -0.94
CA GLN A 35 0.37 6.03 0.20
C GLN A 35 0.50 7.49 -0.24
N PHE A 36 1.14 7.73 -1.39
CA PHE A 36 1.30 9.11 -1.87
C PHE A 36 -0.03 9.81 -2.08
N GLU A 37 -1.05 9.05 -2.50
CA GLU A 37 -2.37 9.63 -2.77
C GLU A 37 -3.22 9.74 -1.51
N GLU A 38 -3.45 8.63 -0.82
CA GLU A 38 -4.43 8.61 0.26
C GLU A 38 -3.85 9.04 1.60
N VAL A 39 -2.60 8.69 1.87
CA VAL A 39 -2.01 8.86 3.19
C VAL A 39 -1.20 10.15 3.29
N LEU A 40 -0.43 10.48 2.25
CA LEU A 40 0.48 11.60 2.29
C LEU A 40 0.00 12.81 1.48
N HIS A 41 -0.84 12.59 0.47
CA HIS A 41 -1.36 13.66 -0.37
C HIS A 41 -0.22 14.51 -0.92
N ILE A 42 0.78 13.81 -1.48
CA ILE A 42 1.99 14.46 -1.97
C ILE A 42 1.65 15.53 -2.99
N SER A 43 0.74 15.23 -3.91
CA SER A 43 0.52 16.11 -5.05
C SER A 43 -0.04 17.46 -4.59
N ASP A 44 -1.07 17.42 -3.74
N ASP A 44 -1.07 17.47 -3.75
CA ASP A 44 -1.71 18.64 -3.24
CA ASP A 44 -1.58 18.79 -3.39
C ASP A 44 -0.74 19.44 -2.36
C ASP A 44 -0.77 19.48 -2.31
N ASN A 45 0.09 18.75 -1.58
CA ASN A 45 1.04 19.43 -0.71
C ASN A 45 2.15 20.08 -1.52
N VAL A 46 2.57 19.43 -2.60
CA VAL A 46 3.51 20.06 -3.50
C VAL A 46 2.89 21.29 -4.15
N LYS A 47 1.65 21.16 -4.65
CA LYS A 47 0.98 22.30 -5.26
C LYS A 47 0.85 23.47 -4.29
N LYS A 48 0.59 23.19 -3.02
CA LYS A 48 0.42 24.27 -2.06
C LYS A 48 1.71 25.07 -1.88
N LYS A 49 2.87 24.46 -2.12
CA LYS A 49 4.14 25.14 -1.94
C LYS A 49 4.70 25.70 -3.24
N LEU A 50 4.07 25.43 -4.38
CA LEU A 50 4.54 25.98 -5.64
C LEU A 50 3.82 27.28 -5.93
N PRO A 51 4.41 28.15 -6.75
CA PRO A 51 3.76 29.43 -7.07
C PRO A 51 2.39 29.26 -7.70
N GLU A 52 1.72 30.39 -7.92
CA GLU A 52 0.34 30.38 -8.39
C GLU A 52 0.28 29.90 -9.83
N GLY A 53 -0.48 28.83 -10.06
CA GLY A 53 -0.82 28.40 -11.40
C GLY A 53 0.26 27.70 -12.18
N VAL A 54 1.36 27.28 -11.56
CA VAL A 54 2.35 26.50 -12.28
C VAL A 54 1.74 25.15 -12.64
N LYS A 55 2.20 24.58 -13.74
CA LYS A 55 1.57 23.39 -14.30
C LYS A 55 2.10 22.14 -13.61
N MET A 56 1.20 21.33 -13.09
CA MET A 56 1.54 20.03 -12.52
C MET A 56 0.87 18.96 -13.36
N THR A 57 1.64 17.97 -13.77
CA THR A 57 1.15 16.89 -14.61
C THR A 57 1.37 15.55 -13.93
N LYS A 58 0.46 14.63 -14.14
CA LYS A 58 0.52 13.30 -13.50
C LYS A 58 0.12 12.24 -14.52
N TYR A 59 1.02 11.29 -14.78
CA TYR A 59 0.82 10.27 -15.81
C TYR A 59 0.88 8.87 -15.20
N HIS A 60 0.09 7.96 -15.76
CA HIS A 60 0.14 6.55 -15.41
C HIS A 60 1.23 5.85 -16.23
N VAL A 61 1.66 4.68 -15.74
CA VAL A 61 2.72 3.91 -16.38
C VAL A 61 2.24 2.50 -16.67
N ASN A 62 2.89 1.88 -17.65
CA ASN A 62 2.50 0.55 -18.12
C ASN A 62 3.20 -0.59 -17.37
N PHE A 63 4.40 -0.36 -16.83
CA PHE A 63 5.27 -1.47 -16.49
C PHE A 63 4.88 -2.21 -15.21
N MET A 64 3.71 -1.92 -14.63
CA MET A 64 3.20 -2.69 -13.50
C MET A 64 1.83 -3.23 -13.86
N GLY A 65 1.59 -4.52 -13.58
CA GLY A 65 0.27 -5.08 -13.73
C GLY A 65 -0.05 -5.65 -15.08
N GLY A 66 0.94 -5.79 -15.97
CA GLY A 66 0.73 -6.39 -17.27
C GLY A 66 -0.42 -5.80 -18.06
N ASP A 67 -1.35 -6.66 -18.47
CA ASP A 67 -2.44 -6.22 -19.35
C ASP A 67 -3.34 -5.19 -18.67
N LEU A 68 -3.69 -5.43 -17.41
CA LEU A 68 -4.50 -4.47 -16.69
C LEU A 68 -3.74 -3.17 -16.45
N GLY A 69 -2.43 -3.24 -16.27
CA GLY A 69 -1.64 -2.03 -16.16
C GLY A 69 -1.80 -1.12 -17.36
N LYS A 70 -1.81 -1.69 -18.56
N LYS A 70 -1.81 -1.70 -18.56
CA LYS A 70 -2.01 -0.89 -19.77
CA LYS A 70 -2.02 -0.90 -19.77
C LYS A 70 -3.44 -0.37 -19.85
C LYS A 70 -3.44 -0.37 -19.85
N ASP A 71 -4.42 -1.19 -19.44
CA ASP A 71 -5.81 -0.72 -19.41
C ASP A 71 -5.95 0.49 -18.49
N LEU A 72 -5.21 0.48 -17.38
CA LEU A 72 -5.29 1.60 -16.44
C LEU A 72 -4.63 2.85 -17.00
N THR A 73 -3.59 2.70 -17.82
CA THR A 73 -3.02 3.86 -18.50
C THR A 73 -4.03 4.47 -19.46
N GLN A 74 -4.76 3.62 -20.19
CA GLN A 74 -5.80 4.13 -21.06
C GLN A 74 -6.94 4.76 -20.26
N ALA A 75 -7.31 4.14 -19.13
CA ALA A 75 -8.36 4.72 -18.29
C ALA A 75 -7.92 6.05 -17.71
N TRP A 76 -6.65 6.18 -17.33
CA TRP A 76 -6.17 7.48 -16.85
C TRP A 76 -6.21 8.51 -17.97
N ALA A 77 -5.92 8.10 -19.21
CA ALA A 77 -6.10 8.99 -20.34
C ALA A 77 -7.56 9.42 -20.47
N VAL A 78 -8.49 8.48 -20.29
CA VAL A 78 -9.90 8.84 -20.27
C VAL A 78 -10.18 9.84 -19.16
N ALA A 79 -9.62 9.59 -17.98
CA ALA A 79 -9.85 10.49 -16.84
C ALA A 79 -9.30 11.89 -17.14
N MET A 80 -8.14 11.97 -17.79
CA MET A 80 -7.57 13.27 -18.12
C MET A 80 -8.40 13.97 -19.18
N ALA A 81 -8.88 13.24 -20.19
CA ALA A 81 -9.65 13.86 -21.25
C ALA A 81 -10.97 14.41 -20.73
N LEU A 82 -11.66 13.65 -19.87
CA LEU A 82 -12.92 14.12 -19.30
C LEU A 82 -12.72 15.05 -18.11
N GLY A 83 -11.51 15.13 -17.57
CA GLY A 83 -11.26 15.95 -16.39
C GLY A 83 -11.87 15.40 -15.12
N VAL A 84 -11.82 14.08 -14.90
CA VAL A 84 -12.46 13.49 -13.73
C VAL A 84 -11.43 12.76 -12.88
N GLU A 85 -10.19 13.23 -12.90
CA GLU A 85 -9.13 12.58 -12.12
C GLU A 85 -9.47 12.57 -10.63
N ASP A 86 -10.03 13.67 -10.11
CA ASP A 86 -10.34 13.75 -8.69
C ASP A 86 -11.47 12.80 -8.29
N LYS A 87 -12.27 12.34 -9.26
CA LYS A 87 -13.41 11.49 -8.97
C LYS A 87 -13.08 10.01 -9.00
N VAL A 88 -12.03 9.61 -9.71
CA VAL A 88 -11.74 8.20 -9.92
C VAL A 88 -10.42 7.76 -9.30
N THR A 89 -9.57 8.68 -8.84
CA THR A 89 -8.26 8.27 -8.32
C THR A 89 -8.41 7.36 -7.11
N VAL A 90 -9.19 7.79 -6.12
CA VAL A 90 -9.34 6.97 -4.90
C VAL A 90 -10.01 5.63 -5.20
N PRO A 91 -11.17 5.56 -5.85
CA PRO A 91 -11.78 4.25 -6.10
C PRO A 91 -10.94 3.33 -6.97
N LEU A 92 -10.09 3.88 -7.86
CA LEU A 92 -9.22 3.02 -8.64
C LEU A 92 -8.11 2.43 -7.78
N PHE A 93 -7.46 3.28 -6.96
CA PHE A 93 -6.46 2.77 -6.04
C PHE A 93 -7.04 1.71 -5.12
N GLU A 94 -8.22 1.98 -4.54
CA GLU A 94 -8.80 1.03 -3.59
C GLU A 94 -9.30 -0.21 -4.30
N GLY A 95 -9.87 -0.05 -5.50
CA GLY A 95 -10.32 -1.20 -6.26
C GLY A 95 -9.18 -2.13 -6.62
N VAL A 96 -8.00 -1.58 -6.92
CA VAL A 96 -6.88 -2.42 -7.30
C VAL A 96 -6.16 -2.97 -6.08
N GLN A 97 -5.96 -2.16 -5.03
CA GLN A 97 -5.06 -2.52 -3.95
C GLN A 97 -5.75 -2.84 -2.63
N LYS A 98 -6.94 -2.31 -2.37
CA LYS A 98 -7.62 -2.56 -1.10
C LYS A 98 -8.68 -3.66 -1.22
N THR A 99 -9.70 -3.43 -2.03
CA THR A 99 -10.76 -4.43 -2.19
C THR A 99 -10.40 -5.49 -3.22
N GLN A 100 -9.48 -5.20 -4.13
CA GLN A 100 -9.12 -6.11 -5.22
C GLN A 100 -10.35 -6.55 -5.98
N THR A 101 -11.18 -5.57 -6.32
CA THR A 101 -12.36 -5.77 -7.14
C THR A 101 -12.16 -5.31 -8.58
N ILE A 102 -10.95 -4.86 -8.93
CA ILE A 102 -10.64 -4.44 -10.29
C ILE A 102 -9.79 -5.52 -10.92
N ARG A 103 -10.39 -6.31 -11.79
CA ARG A 103 -9.70 -7.42 -12.44
C ARG A 103 -9.75 -7.35 -13.96
N SER A 104 -10.57 -6.48 -14.53
CA SER A 104 -10.74 -6.40 -15.98
C SER A 104 -11.03 -4.96 -16.35
N ALA A 105 -10.96 -4.69 -17.66
CA ALA A 105 -11.32 -3.37 -18.15
C ALA A 105 -12.76 -3.02 -17.81
N SER A 106 -13.63 -4.02 -17.75
CA SER A 106 -15.02 -3.79 -17.36
C SER A 106 -15.10 -3.30 -15.92
N ASP A 107 -14.28 -3.87 -15.03
CA ASP A 107 -14.27 -3.42 -13.64
C ASP A 107 -13.76 -1.99 -13.53
N ILE A 108 -12.79 -1.61 -14.35
CA ILE A 108 -12.34 -0.23 -14.37
C ILE A 108 -13.49 0.68 -14.79
N ARG A 109 -14.18 0.31 -15.88
CA ARG A 109 -15.32 1.08 -16.36
C ARG A 109 -16.36 1.28 -15.26
N ASP A 110 -16.62 0.23 -14.47
CA ASP A 110 -17.59 0.32 -13.38
C ASP A 110 -17.25 1.46 -12.42
N VAL A 111 -15.96 1.66 -12.14
CA VAL A 111 -15.55 2.75 -11.26
C VAL A 111 -16.02 4.09 -11.82
N PHE A 112 -15.83 4.30 -13.12
CA PHE A 112 -16.27 5.55 -13.72
C PHE A 112 -17.79 5.68 -13.70
N ILE A 113 -18.50 4.58 -13.97
CA ILE A 113 -19.96 4.62 -13.92
C ILE A 113 -20.44 5.00 -12.53
N ASN A 114 -19.87 4.35 -11.51
CA ASN A 114 -20.25 4.63 -10.13
C ASN A 114 -19.90 6.06 -9.73
N ALA A 115 -18.88 6.64 -10.35
CA ALA A 115 -18.48 8.01 -10.07
C ALA A 115 -19.29 9.04 -10.82
N GLY A 116 -20.22 8.61 -11.67
CA GLY A 116 -21.12 9.54 -12.34
C GLY A 116 -20.84 9.79 -13.80
N ILE A 117 -19.80 9.20 -14.36
CA ILE A 117 -19.52 9.35 -15.80
C ILE A 117 -20.48 8.46 -16.56
N LYS A 118 -21.19 9.03 -17.52
CA LYS A 118 -22.17 8.26 -18.28
C LYS A 118 -21.48 7.18 -19.10
N GLY A 119 -22.20 6.09 -19.32
CA GLY A 119 -21.63 4.96 -20.05
C GLY A 119 -21.22 5.33 -21.47
N GLU A 120 -22.15 5.94 -22.22
CA GLU A 120 -21.81 6.37 -23.58
C GLU A 120 -20.68 7.39 -23.57
N GLU A 121 -20.61 8.21 -22.52
CA GLU A 121 -19.51 9.18 -22.40
C GLU A 121 -18.19 8.47 -22.19
N TYR A 122 -18.17 7.44 -21.35
CA TYR A 122 -16.93 6.71 -21.08
C TYR A 122 -16.47 5.93 -22.30
N ASP A 123 -17.40 5.22 -22.96
CA ASP A 123 -17.03 4.39 -24.10
C ASP A 123 -16.53 5.24 -25.27
N ALA A 124 -17.18 6.38 -25.51
CA ALA A 124 -16.74 7.25 -26.60
C ALA A 124 -15.33 7.77 -26.37
N ALA A 125 -15.03 8.18 -25.14
CA ALA A 125 -13.67 8.62 -24.80
C ALA A 125 -12.68 7.46 -24.89
N TRP A 126 -13.06 6.29 -24.37
CA TRP A 126 -12.15 5.14 -24.35
C TRP A 126 -11.64 4.80 -25.75
N ASN A 127 -12.52 4.89 -26.75
CA ASN A 127 -12.18 4.53 -28.12
C ASN A 127 -11.74 5.72 -28.96
N SER A 128 -11.66 6.90 -28.38
CA SER A 128 -11.37 8.11 -29.15
C SER A 128 -9.89 8.20 -29.48
N PHE A 129 -9.59 8.90 -30.57
CA PHE A 129 -8.18 9.09 -30.92
C PHE A 129 -7.49 10.13 -30.05
N VAL A 130 -8.26 11.07 -29.48
CA VAL A 130 -7.69 11.99 -28.49
C VAL A 130 -7.11 11.21 -27.31
N VAL A 131 -7.82 10.17 -26.85
CA VAL A 131 -7.30 9.36 -25.75
C VAL A 131 -6.12 8.52 -26.23
N LYS A 132 -6.17 8.06 -27.49
CA LYS A 132 -5.00 7.38 -28.07
C LYS A 132 -3.76 8.28 -28.01
N SER A 133 -3.93 9.57 -28.32
CA SER A 133 -2.80 10.49 -28.25
C SER A 133 -2.39 10.75 -26.80
N LEU A 134 -3.34 10.75 -25.86
CA LEU A 134 -2.99 10.92 -24.45
C LEU A 134 -2.23 9.71 -23.92
N VAL A 135 -2.60 8.50 -24.38
CA VAL A 135 -1.83 7.32 -24.02
C VAL A 135 -0.40 7.44 -24.55
N ALA A 136 -0.25 7.85 -25.81
CA ALA A 136 1.07 8.05 -26.39
C ALA A 136 1.87 9.08 -25.60
N GLN A 137 1.23 10.20 -25.22
CA GLN A 137 1.92 11.23 -24.44
C GLN A 137 2.46 10.67 -23.14
N GLN A 138 1.66 9.87 -22.44
CA GLN A 138 2.10 9.29 -21.18
C GLN A 138 3.28 8.34 -21.39
N GLU A 139 3.19 7.51 -22.42
CA GLU A 139 4.28 6.58 -22.71
C GLU A 139 5.55 7.33 -23.11
N LYS A 140 5.42 8.38 -23.92
CA LYS A 140 6.61 9.10 -24.37
C LYS A 140 7.31 9.78 -23.21
N ALA A 141 6.55 10.38 -22.29
CA ALA A 141 7.16 11.08 -21.16
C ALA A 141 7.93 10.11 -20.28
N ALA A 142 7.35 8.94 -19.99
CA ALA A 142 8.07 7.90 -19.27
C ALA A 142 9.30 7.45 -20.04
N ALA A 143 9.15 7.26 -21.35
CA ALA A 143 10.28 6.81 -22.17
C ALA A 143 11.41 7.84 -22.16
N ASP A 144 11.06 9.13 -22.18
CA ASP A 144 12.08 10.18 -22.22
C ASP A 144 13.07 10.06 -21.07
N VAL A 145 12.65 9.53 -19.92
CA VAL A 145 13.54 9.37 -18.78
C VAL A 145 13.85 7.91 -18.50
N GLN A 146 13.47 7.00 -19.41
CA GLN A 146 13.69 5.56 -19.23
C GLN A 146 13.19 5.09 -17.87
N LEU A 147 11.98 5.55 -17.52
CA LEU A 147 11.44 5.33 -16.19
C LEU A 147 11.25 3.85 -15.91
N ARG A 148 11.74 3.41 -14.75
CA ARG A 148 11.58 2.02 -14.31
C ARG A 148 11.07 1.92 -12.89
N GLY A 149 10.71 3.04 -12.26
CA GLY A 149 10.18 3.00 -10.92
C GLY A 149 9.17 4.09 -10.64
N VAL A 150 8.17 3.77 -9.83
CA VAL A 150 7.18 4.75 -9.37
C VAL A 150 6.96 4.58 -7.88
N PRO A 151 6.54 5.65 -7.20
CA PRO A 151 6.24 7.00 -7.70
C PRO A 151 7.51 7.75 -8.05
N ALA A 152 7.41 8.62 -9.05
CA ALA A 152 8.53 9.43 -9.50
C ALA A 152 8.03 10.84 -9.75
N MET A 153 8.86 11.82 -9.44
CA MET A 153 8.58 13.21 -9.78
C MET A 153 9.83 13.82 -10.41
N PHE A 154 9.64 14.52 -11.52
CA PHE A 154 10.69 15.21 -12.23
C PHE A 154 10.34 16.70 -12.28
N VAL A 155 11.36 17.54 -12.17
CA VAL A 155 11.18 18.98 -12.14
C VAL A 155 11.94 19.57 -13.32
N ASN A 156 11.20 20.23 -14.23
CA ASN A 156 11.75 20.89 -15.42
C ASN A 156 12.56 19.94 -16.29
N GLY A 157 12.17 18.67 -16.31
CA GLY A 157 12.85 17.71 -17.15
C GLY A 157 14.32 17.54 -16.87
N LYS A 158 14.77 17.89 -15.66
CA LYS A 158 16.19 17.85 -15.30
C LYS A 158 16.48 17.26 -13.93
N TYR A 159 15.59 17.38 -12.96
CA TYR A 159 15.86 16.93 -11.60
C TYR A 159 14.83 15.89 -11.21
N GLN A 160 15.29 14.79 -10.61
CA GLN A 160 14.42 13.71 -10.19
C GLN A 160 14.41 13.63 -8.67
N LEU A 161 13.21 13.64 -8.10
CA LEU A 161 13.10 13.58 -6.64
C LEU A 161 13.64 12.26 -6.12
N ASN A 162 14.35 12.32 -4.99
CA ASN A 162 14.92 11.14 -4.36
C ASN A 162 14.34 10.97 -2.96
N PRO A 163 13.14 10.41 -2.83
CA PRO A 163 12.55 10.23 -1.49
C PRO A 163 13.27 9.24 -0.61
N GLN A 164 14.18 8.43 -1.18
CA GLN A 164 14.96 7.49 -0.38
C GLN A 164 15.92 8.20 0.57
N GLY A 165 16.23 9.46 0.33
CA GLY A 165 17.07 10.24 1.22
C GLY A 165 16.28 11.20 2.10
N MET A 166 15.13 10.75 2.60
CA MET A 166 14.27 11.57 3.45
C MET A 166 13.79 10.74 4.62
N ASP A 167 13.80 11.33 5.81
CA ASP A 167 13.41 10.60 7.02
C ASP A 167 11.92 10.29 6.98
N THR A 168 11.58 9.04 7.32
CA THR A 168 10.22 8.54 7.27
C THR A 168 9.68 8.20 8.64
N SER A 169 10.30 8.71 9.70
CA SER A 169 9.78 8.47 11.04
C SER A 169 8.53 9.28 11.30
N ASN A 170 8.41 10.44 10.66
CA ASN A 170 7.24 11.30 10.78
C ASN A 170 6.71 11.57 9.38
N MET A 171 5.45 11.21 9.15
CA MET A 171 4.89 11.32 7.80
C MET A 171 4.72 12.78 7.38
N ASP A 172 4.36 13.66 8.32
CA ASP A 172 4.19 15.06 7.99
C ASP A 172 5.52 15.72 7.63
N VAL A 173 6.57 15.39 8.38
CA VAL A 173 7.90 15.93 8.10
C VAL A 173 8.37 15.45 6.73
N PHE A 174 8.07 14.20 6.39
CA PHE A 174 8.47 13.65 5.09
C PHE A 174 7.84 14.43 3.95
N VAL A 175 6.52 14.66 4.03
CA VAL A 175 5.81 15.38 2.99
C VAL A 175 6.34 16.81 2.86
N GLN A 176 6.59 17.45 4.00
CA GLN A 176 7.12 18.82 3.99
C GLN A 176 8.49 18.87 3.33
N GLN A 177 9.37 17.93 3.67
CA GLN A 177 10.69 17.90 3.05
C GLN A 177 10.59 17.64 1.55
N TYR A 178 9.68 16.74 1.16
CA TYR A 178 9.44 16.47 -0.25
C TYR A 178 8.97 17.72 -0.96
N ALA A 179 7.95 18.39 -0.42
CA ALA A 179 7.40 19.58 -1.07
C ALA A 179 8.42 20.71 -1.12
N ASP A 180 9.17 20.90 -0.03
CA ASP A 180 10.19 21.94 -0.01
C ASP A 180 11.27 21.67 -1.04
N THR A 181 11.61 20.39 -1.25
CA THR A 181 12.62 20.06 -2.25
C THR A 181 12.12 20.37 -3.65
N VAL A 182 10.86 20.04 -3.95
CA VAL A 182 10.28 20.39 -5.24
C VAL A 182 10.30 21.90 -5.44
N LYS A 183 9.95 22.66 -4.40
CA LYS A 183 10.00 24.11 -4.51
C LYS A 183 11.42 24.58 -4.80
N TYR A 184 12.40 24.07 -4.04
CA TYR A 184 13.79 24.45 -4.27
C TYR A 184 14.22 24.12 -5.70
N LEU A 185 13.91 22.91 -6.17
CA LEU A 185 14.30 22.51 -7.51
C LEU A 185 13.63 23.38 -8.58
N SER A 186 12.37 23.75 -8.36
CA SER A 186 11.66 24.55 -9.34
C SER A 186 12.26 25.95 -9.47
N GLU A 187 12.89 26.45 -8.41
CA GLU A 187 13.46 27.79 -8.39
C GLU A 187 14.89 27.83 -8.92
N LYS A 188 15.48 26.68 -9.24
CA LYS A 188 16.80 26.65 -9.83
C LYS A 188 16.78 27.28 -11.22
N ALA B 1 -8.77 -33.62 -7.53
CA ALA B 1 -8.87 -33.28 -6.12
C ALA B 1 -9.32 -31.84 -5.94
N GLN B 2 -9.99 -31.58 -4.81
CA GLN B 2 -10.45 -30.23 -4.52
C GLN B 2 -9.27 -29.29 -4.28
N TYR B 3 -8.38 -29.66 -3.36
CA TYR B 3 -7.23 -28.84 -3.01
C TYR B 3 -6.05 -29.23 -3.90
N GLU B 4 -5.52 -28.26 -4.64
CA GLU B 4 -4.44 -28.49 -5.58
C GLU B 4 -3.33 -27.48 -5.32
N ASP B 5 -2.09 -27.97 -5.22
CA ASP B 5 -0.96 -27.10 -5.00
C ASP B 5 -0.86 -26.06 -6.11
N GLY B 6 -0.70 -24.80 -5.73
CA GLY B 6 -0.70 -23.71 -6.68
C GLY B 6 -2.07 -23.10 -6.91
N LYS B 7 -3.14 -23.74 -6.44
CA LYS B 7 -4.47 -23.16 -6.55
C LYS B 7 -4.83 -22.43 -5.24
N GLN B 8 -5.30 -23.16 -4.23
CA GLN B 8 -5.65 -22.52 -2.97
C GLN B 8 -4.43 -22.21 -2.11
N TYR B 9 -3.30 -22.85 -2.38
CA TYR B 9 -2.12 -22.72 -1.53
C TYR B 9 -0.89 -23.03 -2.37
N THR B 10 0.27 -22.71 -1.79
CA THR B 10 1.55 -23.13 -2.32
C THR B 10 2.35 -23.75 -1.19
N THR B 11 3.39 -24.50 -1.56
CA THR B 11 4.26 -25.16 -0.59
C THR B 11 5.59 -24.44 -0.52
N LEU B 12 6.10 -24.27 0.70
CA LEU B 12 7.38 -23.60 0.88
C LEU B 12 8.51 -24.49 0.38
N GLU B 13 9.43 -23.90 -0.38
CA GLU B 13 10.57 -24.65 -0.90
C GLU B 13 11.45 -25.16 0.24
N LYS B 14 11.79 -24.28 1.18
CA LYS B 14 12.60 -24.63 2.35
C LYS B 14 11.79 -24.32 3.60
N PRO B 15 10.98 -25.26 4.09
CA PRO B 15 10.22 -25.01 5.32
C PRO B 15 11.14 -24.97 6.54
N VAL B 16 10.60 -24.43 7.63
CA VAL B 16 11.37 -24.20 8.84
C VAL B 16 10.64 -24.85 10.02
N ALA B 17 11.43 -25.33 10.98
CA ALA B 17 10.90 -25.94 12.18
C ALA B 17 10.59 -24.88 13.23
N GLY B 18 9.80 -25.27 14.22
CA GLY B 18 9.40 -24.36 15.28
C GLY B 18 8.44 -23.28 14.86
N ALA B 19 7.89 -23.35 13.65
CA ALA B 19 6.97 -22.35 13.19
C ALA B 19 5.61 -22.50 13.89
N PRO B 20 4.89 -21.40 14.10
CA PRO B 20 3.55 -21.50 14.69
C PRO B 20 2.60 -22.25 13.78
N GLN B 21 1.54 -22.78 14.40
CA GLN B 21 0.57 -23.58 13.65
C GLN B 21 -0.09 -22.76 12.54
N VAL B 22 -0.66 -21.61 12.90
CA VAL B 22 -1.25 -20.67 11.97
C VAL B 22 -0.60 -19.33 12.24
N LEU B 23 0.17 -18.82 11.27
CA LEU B 23 0.96 -17.61 11.45
C LEU B 23 0.54 -16.58 10.40
N GLU B 24 -0.04 -15.47 10.86
CA GLU B 24 -0.54 -14.41 10.00
C GLU B 24 0.39 -13.20 10.09
N PHE B 25 0.64 -12.56 8.94
CA PHE B 25 1.44 -11.34 8.88
C PHE B 25 0.59 -10.20 8.34
N PHE B 26 0.74 -9.02 8.94
CA PHE B 26 -0.02 -7.86 8.50
C PHE B 26 0.80 -6.60 8.73
N SER B 27 0.26 -5.48 8.26
CA SER B 27 0.82 -4.17 8.54
C SER B 27 -0.33 -3.18 8.65
N PHE B 28 -0.24 -2.28 9.63
CA PHE B 28 -1.24 -1.23 9.72
C PHE B 28 -1.19 -0.27 8.54
N PHE B 29 -0.12 -0.29 7.74
CA PHE B 29 -0.07 0.49 6.51
C PHE B 29 -0.64 -0.25 5.31
N CYS B 30 -0.96 -1.53 5.46
CA CYS B 30 -1.29 -2.38 4.34
C CYS B 30 -2.80 -2.33 4.09
N PRO B 31 -3.26 -1.79 2.96
CA PRO B 31 -4.70 -1.60 2.76
C PRO B 31 -5.47 -2.90 2.62
N HIS B 32 -4.91 -3.88 1.89
CA HIS B 32 -5.57 -5.17 1.78
C HIS B 32 -5.64 -5.88 3.13
N CYS B 33 -4.69 -5.59 4.02
CA CYS B 33 -4.75 -6.13 5.38
C CYS B 33 -5.91 -5.55 6.16
N TYR B 34 -6.10 -4.23 6.04
CA TYR B 34 -7.29 -3.58 6.60
C TYR B 34 -8.56 -4.23 6.07
N GLN B 35 -8.60 -4.50 4.76
CA GLN B 35 -9.76 -5.15 4.17
C GLN B 35 -9.94 -6.57 4.73
N PHE B 36 -8.85 -7.33 4.85
CA PHE B 36 -8.91 -8.68 5.40
C PHE B 36 -9.49 -8.67 6.81
N GLU B 37 -8.93 -7.83 7.69
CA GLU B 37 -9.28 -7.93 9.10
C GLU B 37 -10.66 -7.33 9.40
N GLU B 38 -10.96 -6.17 8.84
CA GLU B 38 -12.11 -5.40 9.28
C GLU B 38 -13.30 -5.44 8.33
N VAL B 39 -13.12 -5.88 7.09
CA VAL B 39 -14.21 -6.02 6.13
C VAL B 39 -14.55 -7.50 5.90
N LEU B 40 -13.59 -8.29 5.44
CA LEU B 40 -13.86 -9.70 5.19
C LEU B 40 -13.84 -10.54 6.45
N HIS B 41 -13.23 -10.05 7.54
CA HIS B 41 -13.10 -10.80 8.78
C HIS B 41 -12.44 -12.17 8.54
N ILE B 42 -11.30 -12.15 7.86
CA ILE B 42 -10.64 -13.41 7.49
C ILE B 42 -10.23 -14.18 8.75
N SER B 43 -9.56 -13.50 9.68
CA SER B 43 -9.06 -14.19 10.87
C SER B 43 -10.20 -14.74 11.72
N ASP B 44 -11.31 -14.01 11.81
CA ASP B 44 -12.47 -14.52 12.55
C ASP B 44 -13.00 -15.81 11.93
N ASN B 45 -13.06 -15.86 10.60
CA ASN B 45 -13.63 -17.02 9.94
C ASN B 45 -12.66 -18.20 9.94
N VAL B 46 -11.36 -17.92 9.86
CA VAL B 46 -10.37 -18.99 10.06
C VAL B 46 -10.49 -19.55 11.47
N LYS B 47 -10.63 -18.65 12.46
CA LYS B 47 -10.76 -19.08 13.85
C LYS B 47 -11.94 -20.02 14.06
N LYS B 48 -13.09 -19.66 13.49
CA LYS B 48 -14.30 -20.47 13.65
C LYS B 48 -14.09 -21.91 13.21
N LYS B 49 -13.29 -22.12 12.16
CA LYS B 49 -13.12 -23.44 11.57
C LYS B 49 -11.86 -24.15 12.01
N LEU B 50 -10.93 -23.48 12.68
CA LEU B 50 -9.89 -24.21 13.38
C LEU B 50 -10.50 -24.86 14.62
N PRO B 51 -9.90 -25.94 15.11
CA PRO B 51 -10.39 -26.52 16.37
C PRO B 51 -10.28 -25.50 17.50
N GLU B 52 -11.25 -25.54 18.41
CA GLU B 52 -11.25 -24.61 19.53
C GLU B 52 -10.04 -24.85 20.42
N GLY B 53 -9.39 -23.77 20.83
CA GLY B 53 -8.17 -23.84 21.59
C GLY B 53 -6.90 -23.76 20.77
N VAL B 54 -6.96 -24.05 19.47
CA VAL B 54 -5.80 -23.88 18.60
C VAL B 54 -5.42 -22.41 18.53
N LYS B 55 -4.14 -22.12 18.67
CA LYS B 55 -3.68 -20.75 18.77
C LYS B 55 -3.38 -20.20 17.38
N MET B 56 -3.87 -18.99 17.12
CA MET B 56 -3.50 -18.24 15.93
C MET B 56 -2.59 -17.10 16.34
N THR B 57 -1.49 -16.96 15.61
CA THR B 57 -0.49 -15.94 15.90
C THR B 57 -0.47 -14.93 14.76
N LYS B 58 -0.49 -13.65 15.12
CA LYS B 58 -0.47 -12.56 14.15
C LYS B 58 0.70 -11.64 14.47
N TYR B 59 1.54 -11.38 13.47
CA TYR B 59 2.72 -10.55 13.63
C TYR B 59 2.65 -9.35 12.69
N HIS B 60 3.23 -8.24 13.12
CA HIS B 60 3.36 -7.04 12.32
C HIS B 60 4.70 -7.04 11.60
N VAL B 61 4.77 -6.33 10.46
CA VAL B 61 5.97 -6.33 9.63
C VAL B 61 6.51 -4.90 9.52
N ASN B 62 7.81 -4.81 9.25
CA ASN B 62 8.50 -3.53 9.20
C ASN B 62 8.48 -2.88 7.82
N PHE B 63 8.41 -3.68 6.76
CA PHE B 63 8.76 -3.21 5.43
C PHE B 63 7.66 -2.36 4.79
N MET B 64 6.81 -1.74 5.61
CA MET B 64 5.82 -0.80 5.13
C MET B 64 5.81 0.42 6.04
N GLY B 65 5.58 1.58 5.43
CA GLY B 65 5.48 2.80 6.22
C GLY B 65 6.81 3.34 6.72
N GLY B 66 7.92 3.02 6.06
CA GLY B 66 9.20 3.58 6.47
C GLY B 66 9.55 3.26 7.90
N ASP B 67 10.21 4.21 8.57
CA ASP B 67 10.59 4.00 9.96
C ASP B 67 9.38 3.95 10.89
N LEU B 68 8.29 4.64 10.53
CA LEU B 68 7.09 4.55 11.34
C LEU B 68 6.54 3.13 11.35
N GLY B 69 6.69 2.39 10.25
CA GLY B 69 6.32 0.99 10.26
C GLY B 69 7.06 0.20 11.32
N LYS B 70 8.34 0.50 11.50
CA LYS B 70 9.10 -0.15 12.57
C LYS B 70 8.50 0.15 13.93
N ASP B 71 8.07 1.40 14.16
CA ASP B 71 7.46 1.75 15.44
C ASP B 71 6.14 1.02 15.64
N LEU B 72 5.37 0.84 14.58
CA LEU B 72 4.11 0.12 14.68
C LEU B 72 4.33 -1.36 15.02
N THR B 73 5.41 -1.95 14.51
CA THR B 73 5.75 -3.32 14.88
C THR B 73 6.05 -3.43 16.38
N GLN B 74 6.82 -2.48 16.92
CA GLN B 74 7.06 -2.46 18.36
C GLN B 74 5.79 -2.17 19.13
N ALA B 75 4.87 -1.40 18.55
CA ALA B 75 3.60 -1.15 19.21
C ALA B 75 2.74 -2.40 19.22
N TRP B 76 2.77 -3.18 18.13
CA TRP B 76 2.04 -4.44 18.11
C TRP B 76 2.60 -5.42 19.13
N ALA B 77 3.92 -5.41 19.33
CA ALA B 77 4.50 -6.18 20.43
C ALA B 77 3.94 -5.72 21.77
N VAL B 78 3.79 -4.41 21.96
CA VAL B 78 3.19 -3.90 23.20
C VAL B 78 1.75 -4.36 23.31
N ALA B 79 0.99 -4.29 22.21
CA ALA B 79 -0.39 -4.75 22.23
C ALA B 79 -0.46 -6.22 22.62
N MET B 80 0.47 -7.04 22.12
CA MET B 80 0.49 -8.44 22.50
C MET B 80 0.87 -8.62 23.96
N ALA B 81 1.87 -7.87 24.43
CA ALA B 81 2.34 -8.03 25.80
C ALA B 81 1.28 -7.61 26.81
N LEU B 82 0.50 -6.58 26.48
CA LEU B 82 -0.57 -6.11 27.35
C LEU B 82 -1.89 -6.81 27.10
N GLY B 83 -1.97 -7.64 26.07
CA GLY B 83 -3.23 -8.28 25.72
C GLY B 83 -4.34 -7.31 25.37
N VAL B 84 -4.02 -6.29 24.56
CA VAL B 84 -5.03 -5.29 24.20
C VAL B 84 -5.22 -5.28 22.68
N GLU B 85 -4.91 -6.42 22.04
CA GLU B 85 -5.07 -6.50 20.59
C GLU B 85 -6.48 -6.13 20.15
N ASP B 86 -7.50 -6.62 20.88
CA ASP B 86 -8.88 -6.37 20.52
C ASP B 86 -9.37 -4.99 20.97
N LYS B 87 -8.48 -4.13 21.46
CA LYS B 87 -8.81 -2.75 21.79
C LYS B 87 -8.13 -1.72 20.89
N VAL B 88 -6.92 -2.01 20.40
CA VAL B 88 -6.15 -1.02 19.64
C VAL B 88 -6.10 -1.31 18.15
N THR B 89 -6.61 -2.45 17.68
CA THR B 89 -6.46 -2.80 16.28
C THR B 89 -7.22 -1.82 15.38
N VAL B 90 -8.46 -1.50 15.74
CA VAL B 90 -9.27 -0.59 14.94
C VAL B 90 -8.73 0.83 14.98
N PRO B 91 -8.45 1.43 16.15
CA PRO B 91 -7.87 2.79 16.12
C PRO B 91 -6.54 2.87 15.41
N LEU B 92 -5.76 1.78 15.40
CA LEU B 92 -4.48 1.82 14.70
C LEU B 92 -4.68 1.79 13.19
N PHE B 93 -5.57 0.92 12.69
CA PHE B 93 -5.87 0.90 11.26
C PHE B 93 -6.46 2.22 10.80
N GLU B 94 -7.48 2.71 11.52
CA GLU B 94 -8.14 3.95 11.13
C GLU B 94 -7.23 5.15 11.30
N GLY B 95 -6.41 5.15 12.36
CA GLY B 95 -5.49 6.25 12.57
C GLY B 95 -4.46 6.36 11.46
N VAL B 96 -4.00 5.23 10.94
CA VAL B 96 -2.99 5.24 9.88
C VAL B 96 -3.64 5.49 8.53
N GLN B 97 -4.68 4.72 8.19
CA GLN B 97 -5.22 4.73 6.84
C GLN B 97 -6.47 5.58 6.66
N LYS B 98 -7.27 5.79 7.71
CA LYS B 98 -8.55 6.45 7.54
C LYS B 98 -8.50 7.92 7.97
N THR B 99 -8.52 8.19 9.28
CA THR B 99 -8.47 9.56 9.77
C THR B 99 -7.10 10.21 9.59
N GLN B 100 -6.06 9.41 9.38
CA GLN B 100 -4.69 9.89 9.23
C GLN B 100 -4.28 10.79 10.38
N THR B 101 -4.52 10.29 11.59
CA THR B 101 -4.09 10.94 12.82
C THR B 101 -2.86 10.29 13.42
N ILE B 102 -2.37 9.21 12.81
CA ILE B 102 -1.15 8.54 13.25
C ILE B 102 -0.06 8.90 12.25
N ARG B 103 0.81 9.83 12.64
CA ARG B 103 1.90 10.28 11.78
C ARG B 103 3.27 10.05 12.38
N SER B 104 3.35 9.66 13.64
CA SER B 104 4.62 9.46 14.31
C SER B 104 4.39 8.55 15.52
N ALA B 105 5.47 8.16 16.17
CA ALA B 105 5.37 7.23 17.29
C ALA B 105 4.53 7.79 18.42
N SER B 106 4.53 9.12 18.59
CA SER B 106 3.76 9.71 19.69
C SER B 106 2.27 9.53 19.47
N ASP B 107 1.81 9.59 18.22
CA ASP B 107 0.40 9.35 17.92
C ASP B 107 0.01 7.91 18.23
N ILE B 108 0.94 6.96 18.09
CA ILE B 108 0.64 5.58 18.44
C ILE B 108 0.38 5.44 19.93
N ARG B 109 1.23 6.10 20.74
CA ARG B 109 1.06 6.07 22.19
C ARG B 109 -0.31 6.62 22.59
N ASP B 110 -0.75 7.70 21.93
CA ASP B 110 -2.06 8.27 22.25
C ASP B 110 -3.18 7.27 22.04
N VAL B 111 -3.06 6.39 21.06
CA VAL B 111 -4.08 5.38 20.81
C VAL B 111 -4.23 4.47 22.03
N PHE B 112 -3.11 4.01 22.57
CA PHE B 112 -3.16 3.14 23.75
C PHE B 112 -3.67 3.89 24.98
N ILE B 113 -3.20 5.13 25.17
CA ILE B 113 -3.68 5.93 26.28
C ILE B 113 -5.18 6.16 26.16
N ASN B 114 -5.65 6.48 24.95
N ASN B 114 -5.65 6.48 24.94
CA ASN B 114 -7.06 6.72 24.73
CA ASN B 114 -7.07 6.72 24.73
C ASN B 114 -7.90 5.47 24.95
C ASN B 114 -7.89 5.46 24.97
N ALA B 115 -7.31 4.29 24.75
CA ALA B 115 -8.00 3.03 24.98
C ALA B 115 -8.07 2.66 26.45
N GLY B 116 -7.44 3.44 27.33
CA GLY B 116 -7.48 3.20 28.76
C GLY B 116 -6.18 2.73 29.37
N ILE B 117 -5.15 2.49 28.58
CA ILE B 117 -3.86 2.07 29.13
C ILE B 117 -3.15 3.29 29.70
N LYS B 118 -2.66 3.18 30.93
CA LYS B 118 -1.93 4.28 31.53
C LYS B 118 -0.65 4.54 30.74
N GLY B 119 -0.32 5.82 30.57
CA GLY B 119 0.84 6.18 29.77
C GLY B 119 2.13 5.60 30.32
N GLU B 120 2.27 5.62 31.65
CA GLU B 120 3.46 5.05 32.27
C GLU B 120 3.57 3.56 32.04
N GLU B 121 2.43 2.87 31.92
CA GLU B 121 2.42 1.44 31.66
C GLU B 121 2.76 1.14 30.20
N TYR B 122 2.22 1.95 29.27
CA TYR B 122 2.61 1.80 27.87
C TYR B 122 4.11 1.97 27.70
N ASP B 123 4.66 3.00 28.35
CA ASP B 123 6.09 3.26 28.22
C ASP B 123 6.91 2.15 28.87
N ALA B 124 6.47 1.64 30.03
CA ALA B 124 7.18 0.54 30.66
C ALA B 124 7.17 -0.69 29.76
N ALA B 125 6.02 -1.01 29.18
CA ALA B 125 5.96 -2.14 28.26
C ALA B 125 6.79 -1.88 27.01
N TRP B 126 6.75 -0.64 26.50
CA TRP B 126 7.49 -0.31 25.28
C TRP B 126 8.97 -0.61 25.43
N ASN B 127 9.52 -0.38 26.62
CA ASN B 127 10.95 -0.57 26.89
C ASN B 127 11.26 -1.90 27.57
N SER B 128 10.27 -2.78 27.72
CA SER B 128 10.48 -4.03 28.43
C SER B 128 11.28 -5.01 27.57
N PHE B 129 11.90 -5.99 28.25
CA PHE B 129 12.58 -7.05 27.53
C PHE B 129 11.60 -7.98 26.83
N VAL B 130 10.37 -8.08 27.36
CA VAL B 130 9.36 -8.90 26.71
C VAL B 130 9.05 -8.34 25.32
N VAL B 131 8.85 -7.03 25.23
CA VAL B 131 8.56 -6.42 23.94
C VAL B 131 9.78 -6.46 23.02
N LYS B 132 10.97 -6.25 23.58
CA LYS B 132 12.19 -6.35 22.78
C LYS B 132 12.35 -7.75 22.19
N SER B 133 12.01 -8.78 22.97
CA SER B 133 12.06 -10.14 22.42
C SER B 133 10.93 -10.39 21.44
N LEU B 134 9.76 -9.76 21.67
CA LEU B 134 8.65 -9.93 20.74
C LEU B 134 8.94 -9.28 19.40
N VAL B 135 9.65 -8.14 19.41
CA VAL B 135 10.05 -7.51 18.16
C VAL B 135 11.01 -8.42 17.39
N ALA B 136 11.95 -9.04 18.10
CA ALA B 136 12.89 -9.95 17.44
C ALA B 136 12.18 -11.18 16.90
N GLN B 137 11.19 -11.69 17.64
CA GLN B 137 10.43 -12.85 17.16
C GLN B 137 9.70 -12.52 15.87
N GLN B 138 9.06 -11.35 15.81
CA GLN B 138 8.31 -10.98 14.62
C GLN B 138 9.23 -10.83 13.42
N GLU B 139 10.40 -10.21 13.61
CA GLU B 139 11.33 -10.01 12.50
C GLU B 139 11.89 -11.34 12.02
N LYS B 140 12.29 -12.22 12.94
CA LYS B 140 12.86 -13.50 12.54
C LYS B 140 11.82 -14.37 11.84
N ALA B 141 10.56 -14.31 12.27
CA ALA B 141 9.53 -15.10 11.62
C ALA B 141 9.34 -14.68 10.17
N ALA B 142 9.33 -13.36 9.91
CA ALA B 142 9.20 -12.89 8.54
C ALA B 142 10.39 -13.31 7.69
N ALA B 143 11.59 -13.32 8.28
CA ALA B 143 12.78 -13.70 7.52
C ALA B 143 12.79 -15.19 7.20
N ASP B 144 12.25 -16.02 8.09
CA ASP B 144 12.27 -17.46 7.88
C ASP B 144 11.42 -17.88 6.69
N VAL B 145 10.30 -17.20 6.45
CA VAL B 145 9.44 -17.51 5.33
C VAL B 145 9.81 -16.64 4.14
N GLN B 146 10.88 -15.86 4.28
CA GLN B 146 11.34 -14.92 3.26
C GLN B 146 10.18 -14.02 2.81
N LEU B 147 9.52 -13.42 3.79
CA LEU B 147 8.31 -12.66 3.53
C LEU B 147 8.61 -11.41 2.72
N ARG B 148 7.92 -11.24 1.60
CA ARG B 148 8.06 -10.06 0.77
C ARG B 148 6.78 -9.24 0.66
N GLY B 149 5.68 -9.71 1.23
CA GLY B 149 4.43 -8.98 1.12
C GLY B 149 3.42 -9.41 2.17
N VAL B 150 2.46 -8.52 2.41
CA VAL B 150 1.34 -8.82 3.30
C VAL B 150 0.06 -8.40 2.59
N PRO B 151 -1.09 -8.98 2.98
CA PRO B 151 -1.30 -10.02 3.99
C PRO B 151 -0.71 -11.37 3.57
N ALA B 152 -0.46 -12.23 4.56
CA ALA B 152 0.07 -13.56 4.30
C ALA B 152 -0.22 -14.43 5.50
N MET B 153 -0.48 -15.71 5.25
CA MET B 153 -0.74 -16.67 6.32
C MET B 153 -0.06 -17.98 5.99
N PHE B 154 0.66 -18.53 6.98
CA PHE B 154 1.44 -19.75 6.82
C PHE B 154 0.96 -20.79 7.82
N VAL B 155 0.79 -22.03 7.35
CA VAL B 155 0.36 -23.14 8.20
C VAL B 155 1.56 -24.06 8.41
N ASN B 156 1.94 -24.23 9.68
CA ASN B 156 3.00 -25.16 10.08
C ASN B 156 4.32 -24.90 9.34
N GLY B 157 4.55 -23.65 8.95
CA GLY B 157 5.79 -23.28 8.30
C GLY B 157 6.07 -23.99 6.99
N LYS B 158 5.07 -24.70 6.47
CA LYS B 158 5.25 -25.48 5.25
C LYS B 158 4.40 -24.99 4.08
N TYR B 159 3.22 -24.44 4.35
CA TYR B 159 2.31 -24.02 3.30
C TYR B 159 2.01 -22.53 3.41
N GLN B 160 1.75 -21.91 2.27
CA GLN B 160 1.41 -20.50 2.19
C GLN B 160 0.05 -20.38 1.51
N LEU B 161 -0.86 -19.65 2.14
CA LEU B 161 -2.18 -19.45 1.55
C LEU B 161 -2.04 -18.67 0.24
N ASN B 162 -2.83 -19.05 -0.76
CA ASN B 162 -2.78 -18.44 -2.09
C ASN B 162 -4.17 -17.91 -2.44
N PRO B 163 -4.57 -16.78 -1.87
CA PRO B 163 -5.91 -16.25 -2.19
C PRO B 163 -6.08 -15.85 -3.64
N GLN B 164 -5.00 -15.50 -4.35
CA GLN B 164 -5.12 -15.16 -5.76
C GLN B 164 -5.60 -16.34 -6.59
N GLY B 165 -5.39 -17.56 -6.12
CA GLY B 165 -5.89 -18.75 -6.78
C GLY B 165 -7.24 -19.25 -6.31
N MET B 166 -7.87 -18.57 -5.36
CA MET B 166 -9.20 -18.92 -4.89
C MET B 166 -10.25 -18.26 -5.79
N ASP B 167 -11.53 -18.43 -5.46
CA ASP B 167 -12.62 -17.83 -6.24
C ASP B 167 -12.85 -16.41 -5.73
N THR B 168 -12.34 -15.44 -6.48
CA THR B 168 -12.29 -14.05 -6.07
C THR B 168 -13.55 -13.27 -6.39
N SER B 169 -14.62 -13.95 -6.82
CA SER B 169 -15.85 -13.23 -7.17
C SER B 169 -16.81 -13.17 -5.99
N ASN B 170 -17.27 -14.34 -5.52
CA ASN B 170 -18.10 -14.42 -4.34
C ASN B 170 -17.20 -14.29 -3.11
N MET B 171 -17.29 -13.16 -2.42
CA MET B 171 -16.46 -12.95 -1.23
C MET B 171 -16.86 -13.89 -0.10
N ASP B 172 -18.16 -14.17 0.05
CA ASP B 172 -18.59 -15.10 1.08
C ASP B 172 -18.00 -16.48 0.84
N VAL B 173 -18.04 -16.95 -0.40
CA VAL B 173 -17.43 -18.24 -0.75
C VAL B 173 -15.91 -18.16 -0.61
N PHE B 174 -15.31 -17.04 -1.02
CA PHE B 174 -13.87 -16.89 -0.90
C PHE B 174 -13.42 -16.97 0.55
N VAL B 175 -14.12 -16.26 1.44
CA VAL B 175 -13.74 -16.23 2.85
C VAL B 175 -13.75 -17.64 3.43
N GLN B 176 -14.84 -18.39 3.17
CA GLN B 176 -14.88 -19.77 3.65
C GLN B 176 -13.88 -20.66 2.93
N GLN B 177 -13.60 -20.39 1.66
CA GLN B 177 -12.55 -21.14 0.95
C GLN B 177 -11.21 -20.94 1.63
N TYR B 178 -10.90 -19.69 2.01
CA TYR B 178 -9.67 -19.40 2.75
C TYR B 178 -9.65 -20.14 4.08
N ALA B 179 -10.73 -20.02 4.85
CA ALA B 179 -10.80 -20.68 6.15
C ALA B 179 -10.74 -22.19 6.01
N ASP B 180 -11.47 -22.75 5.02
CA ASP B 180 -11.42 -24.19 4.79
C ASP B 180 -10.04 -24.65 4.35
N THR B 181 -9.34 -23.82 3.56
CA THR B 181 -7.98 -24.16 3.18
C THR B 181 -7.07 -24.21 4.40
N VAL B 182 -7.18 -23.22 5.29
CA VAL B 182 -6.38 -23.24 6.51
C VAL B 182 -6.68 -24.50 7.32
N LYS B 183 -7.96 -24.83 7.47
CA LYS B 183 -8.34 -26.03 8.20
C LYS B 183 -7.79 -27.29 7.52
N TYR B 184 -7.95 -27.38 6.20
CA TYR B 184 -7.46 -28.54 5.46
C TYR B 184 -5.95 -28.67 5.58
N LEU B 185 -5.22 -27.55 5.45
CA LEU B 185 -3.77 -27.59 5.57
C LEU B 185 -3.32 -27.99 6.97
N SER B 186 -4.04 -27.52 7.99
CA SER B 186 -3.68 -27.87 9.36
C SER B 186 -3.93 -29.33 9.68
N GLU B 187 -4.83 -29.99 8.93
CA GLU B 187 -5.13 -31.40 9.15
C GLU B 187 -4.25 -32.32 8.33
N LYS B 188 -3.45 -31.79 7.42
CA LYS B 188 -2.52 -32.59 6.64
C LYS B 188 -1.34 -33.02 7.49
C02 LD9 C . 11.73 4.45 -1.09
C04 LD9 C . 11.33 5.95 -1.26
C05 LD9 C . 9.91 6.21 -1.10
C06 LD9 C . 9.05 6.50 -2.13
C08 LD9 C . 7.77 6.51 -0.35
C09 LD9 C . 6.65 6.62 0.49
C10 LD9 C . 6.87 6.40 1.85
C12 LD9 C . 5.88 6.86 4.18
C13 LD9 C . 5.20 6.12 5.17
C14 LD9 C . 5.29 6.51 6.51
C15 LD9 C . 6.05 7.60 6.90
C16 LD9 C . 6.72 8.33 5.91
C17 LD9 C . 6.64 7.95 4.57
C18 LD9 C . 8.17 6.10 2.31
C19 LD9 C . 9.25 6.00 1.44
C20 LD9 C . 9.07 6.21 0.09
N11 LD9 C . 5.79 6.49 2.81
O01 LD9 C . 11.83 4.04 0.09
O03 LD9 C . 11.91 3.80 -2.13
O07 LD9 C . 7.74 6.69 -1.72
CU CU D . -8.27 -31.63 -8.54
#